data_1ZD8
#
_entry.id   1ZD8
#
_cell.length_a   42.128
_cell.length_b   61.873
_cell.length_c   50.192
_cell.angle_alpha   90.00
_cell.angle_beta   108.14
_cell.angle_gamma   90.00
#
_symmetry.space_group_name_H-M   'P 1 21 1'
#
loop_
_entity.id
_entity.type
_entity.pdbx_description
1 polymer 'GTP:AMP phosphotransferase mitochondrial'
2 water water
#
_entity_poly.entity_id   1
_entity_poly.type   'polypeptide(L)'
_entity_poly.pdbx_seq_one_letter_code
;MGASARLLRAVIMGAPGSGKGTVSSRITTHFELKHLSSGDLLRDNMLRGTEIGVLAKAFIDQGKLIPDDVMTRLALHELK
NLTQYSWLLDGFPRTLPQAEALDRAYQIDTVINLNVPFEVIKQRLTARWIHPASGRVYNIEFNPPKTVGIDDLTGEPLIQ
REDDKPETVIKRLKAYEDQTKPVLEYYQKKGVLETFSGTETNKIWPYVYAFLQTKVPQRSQKASVTP
;
_entity_poly.pdbx_strand_id   A
#
# COMPACT_ATOMS: atom_id res chain seq x y z
N LEU A 7 -13.32 12.16 16.41
CA LEU A 7 -12.91 11.93 15.00
C LEU A 7 -11.82 10.88 14.96
N LEU A 8 -11.90 9.99 13.98
CA LEU A 8 -10.97 8.87 13.88
C LEU A 8 -9.62 9.34 13.39
N ARG A 9 -8.58 8.85 14.07
CA ARG A 9 -7.21 9.06 13.68
C ARG A 9 -6.58 7.68 13.45
N ALA A 10 -6.63 7.24 12.19
CA ALA A 10 -6.28 5.86 11.86
C ALA A 10 -5.23 5.80 10.77
N VAL A 11 -4.40 4.75 10.85
CA VAL A 11 -3.43 4.39 9.84
C VAL A 11 -3.76 2.99 9.33
N ILE A 12 -3.55 2.74 8.04
CA ILE A 12 -3.62 1.38 7.52
C ILE A 12 -2.29 1.04 6.89
N MET A 13 -1.85 -0.18 7.18
CA MET A 13 -0.56 -0.68 6.67
C MET A 13 -0.74 -2.02 5.99
N GLY A 14 0.14 -2.29 5.03
CA GLY A 14 0.13 -3.58 4.34
C GLY A 14 1.16 -3.57 3.24
N ALA A 15 1.77 -4.73 3.02
CA ALA A 15 2.76 -4.89 1.96
C ALA A 15 2.13 -4.72 0.56
N PRO A 16 2.95 -4.39 -0.46
CA PRO A 16 2.40 -4.43 -1.83
C PRO A 16 1.79 -5.78 -2.07
N GLY A 17 0.65 -5.79 -2.76
CA GLY A 17 -0.07 -7.02 -3.04
C GLY A 17 -0.93 -7.55 -1.89
N SER A 18 -0.95 -6.84 -0.76
CA SER A 18 -1.70 -7.33 0.42
C SER A 18 -3.20 -7.04 0.38
N GLY A 19 -3.63 -6.25 -0.60
CA GLY A 19 -5.03 -5.84 -0.70
C GLY A 19 -5.33 -4.49 -0.04
N LYS A 20 -4.28 -3.77 0.35
CA LYS A 20 -4.47 -2.49 1.02
C LYS A 20 -5.27 -1.48 0.21
N GLY A 21 -4.99 -1.40 -1.09
CA GLY A 21 -5.75 -0.51 -1.98
C GLY A 21 -7.22 -0.80 -1.91
N THR A 22 -7.58 -2.09 -2.04
CA THR A 22 -8.98 -2.49 -2.04
C THR A 22 -9.63 -2.23 -0.69
N VAL A 23 -8.95 -2.65 0.39
CA VAL A 23 -9.52 -2.46 1.73
C VAL A 23 -9.71 -0.96 2.03
N SER A 24 -8.70 -0.15 1.72
CA SER A 24 -8.78 1.30 1.93
C SER A 24 -9.90 1.94 1.13
N SER A 25 -10.08 1.50 -0.11
CA SER A 25 -11.17 2.01 -0.94
C SER A 25 -12.53 1.63 -0.35
N ARG A 26 -12.67 0.39 0.12
CA ARG A 26 -13.91 -0.02 0.76
C ARG A 26 -14.18 0.72 2.05
N ILE A 27 -13.15 0.98 2.85
CA ILE A 27 -13.35 1.76 4.07
C ILE A 27 -13.86 3.15 3.72
N THR A 28 -13.25 3.74 2.69
CA THR A 28 -13.61 5.11 2.31
C THR A 28 -15.06 5.18 1.80
N THR A 29 -15.48 4.16 1.07
CA THR A 29 -16.86 4.07 0.58
C THR A 29 -17.87 4.01 1.74
N HIS A 30 -17.56 3.24 2.78
CA HIS A 30 -18.57 2.94 3.80
C HIS A 30 -18.55 3.79 5.06
N PHE A 31 -17.47 4.54 5.26
CA PHE A 31 -17.32 5.32 6.48
C PHE A 31 -17.05 6.78 6.20
N GLU A 32 -17.48 7.62 7.13
CA GLU A 32 -17.36 9.07 6.99
C GLU A 32 -15.94 9.51 7.39
N LEU A 33 -15.04 9.44 6.43
CA LEU A 33 -13.64 9.82 6.67
C LEU A 33 -12.93 10.20 5.39
N LYS A 34 -11.75 10.82 5.54
CA LYS A 34 -10.91 11.17 4.41
C LYS A 34 -9.79 10.15 4.25
N HIS A 35 -9.64 9.64 3.04
CA HIS A 35 -8.57 8.69 2.72
C HIS A 35 -7.37 9.50 2.28
N LEU A 36 -6.30 9.45 3.06
CA LEU A 36 -5.11 10.24 2.83
C LEU A 36 -3.99 9.30 2.42
N SER A 37 -3.81 9.16 1.11
CA SER A 37 -2.80 8.31 0.52
C SER A 37 -1.52 9.08 0.20
N SER A 38 -0.39 8.67 0.79
CA SER A 38 0.88 9.35 0.55
C SER A 38 1.29 9.29 -0.93
N GLY A 39 1.10 8.12 -1.56
CA GLY A 39 1.44 7.98 -2.96
C GLY A 39 0.57 8.91 -3.81
N ASP A 40 -0.71 9.00 -3.50
CA ASP A 40 -1.58 9.92 -4.26
C ASP A 40 -1.19 11.38 -4.02
N LEU A 41 -0.83 11.73 -2.79
CA LEU A 41 -0.39 13.09 -2.47
C LEU A 41 0.87 13.43 -3.28
N LEU A 42 1.83 12.49 -3.29
CA LEU A 42 3.03 12.70 -4.08
C LEU A 42 2.76 12.84 -5.57
N ARG A 43 1.89 11.97 -6.08
CA ARG A 43 1.64 11.96 -7.52
C ARG A 43 0.84 13.20 -7.94
N ASP A 44 -0.05 13.68 -7.08
CA ASP A 44 -0.77 14.93 -7.35
C ASP A 44 0.20 16.11 -7.39
N ASN A 45 1.17 16.12 -6.48
CA ASN A 45 2.18 17.17 -6.53
C ASN A 45 3.00 17.09 -7.80
N MET A 46 3.31 15.87 -8.22
CA MET A 46 4.06 15.67 -9.47
C MET A 46 3.27 16.19 -10.66
N LEU A 47 1.98 15.87 -10.68
CA LEU A 47 1.10 16.32 -11.75
C LEU A 47 0.99 17.85 -11.81
N ARG A 48 0.90 18.48 -10.65
CA ARG A 48 0.77 19.93 -10.58
C ARG A 48 2.12 20.64 -10.80
N GLY A 49 3.21 19.87 -10.84
CA GLY A 49 4.52 20.43 -11.12
C GLY A 49 5.07 21.28 -9.99
N THR A 50 4.61 21.03 -8.77
CA THR A 50 5.09 21.81 -7.62
C THR A 50 6.54 21.41 -7.35
N GLU A 51 7.24 22.22 -6.55
CA GLU A 51 8.63 21.89 -6.23
C GLU A 51 8.78 20.54 -5.53
N ILE A 52 7.89 20.27 -4.57
CA ILE A 52 7.91 18.97 -3.88
C ILE A 52 7.56 17.86 -4.87
N GLY A 53 6.71 18.16 -5.84
CA GLY A 53 6.47 17.25 -6.96
C GLY A 53 7.70 16.91 -7.77
N VAL A 54 8.48 17.92 -8.14
CA VAL A 54 9.70 17.69 -8.93
C VAL A 54 10.71 16.90 -8.10
N LEU A 55 10.86 17.26 -6.82
CA LEU A 55 11.70 16.49 -5.91
C LEU A 55 11.25 15.02 -5.81
N ALA A 56 9.94 14.82 -5.65
CA ALA A 56 9.38 13.48 -5.55
C ALA A 56 9.77 12.63 -6.75
N LYS A 57 9.57 13.18 -7.95
CA LYS A 57 9.91 12.48 -9.20
C LYS A 57 11.39 12.12 -9.23
N ALA A 58 12.23 13.04 -8.79
CA ALA A 58 13.69 12.80 -8.77
C ALA A 58 14.07 11.57 -7.97
N PHE A 59 13.46 11.38 -6.80
CA PHE A 59 13.64 10.18 -5.99
C PHE A 59 12.94 8.94 -6.55
N ILE A 60 11.66 9.10 -6.89
CA ILE A 60 10.85 7.97 -7.36
C ILE A 60 11.44 7.33 -8.63
N ASP A 61 11.83 8.18 -9.58
CA ASP A 61 12.45 7.71 -10.82
C ASP A 61 13.76 6.94 -10.64
N GLN A 62 14.40 7.12 -9.49
CA GLN A 62 15.65 6.43 -9.18
C GLN A 62 15.41 5.27 -8.21
N GLY A 63 14.14 4.95 -7.96
CA GLY A 63 13.74 3.86 -7.08
C GLY A 63 14.03 4.09 -5.60
N LYS A 64 13.99 5.37 -5.21
CA LYS A 64 14.33 5.78 -3.84
C LYS A 64 13.12 6.27 -3.06
N LEU A 65 13.14 6.10 -1.74
CA LEU A 65 12.10 6.66 -0.88
C LEU A 65 12.29 8.18 -0.82
N ILE A 66 11.18 8.90 -0.68
CA ILE A 66 11.28 10.30 -0.28
C ILE A 66 11.97 10.32 1.10
N PRO A 67 12.99 11.18 1.27
CA PRO A 67 13.63 11.25 2.59
C PRO A 67 12.61 11.56 3.69
N ASP A 68 12.83 10.97 4.86
CA ASP A 68 11.90 11.09 5.98
C ASP A 68 11.53 12.53 6.30
N ASP A 69 12.52 13.42 6.37
CA ASP A 69 12.23 14.82 6.75
C ASP A 69 11.33 15.50 5.73
N VAL A 70 11.61 15.28 4.44
CA VAL A 70 10.79 15.86 3.37
C VAL A 70 9.36 15.30 3.41
N MET A 71 9.26 13.98 3.52
CA MET A 71 7.97 13.32 3.49
C MET A 71 7.09 13.73 4.68
N THR A 72 7.70 13.78 5.86
CA THR A 72 6.99 14.18 7.06
C THR A 72 6.50 15.63 6.97
N ARG A 73 7.35 16.53 6.47
CA ARG A 73 6.92 17.94 6.33
C ARG A 73 5.70 18.02 5.41
N LEU A 74 5.72 17.26 4.32
CA LEU A 74 4.62 17.26 3.36
C LEU A 74 3.33 16.66 3.93
N ALA A 75 3.46 15.54 4.63
CA ALA A 75 2.28 14.88 5.21
C ALA A 75 1.64 15.74 6.28
N LEU A 76 2.46 16.32 7.16
CA LEU A 76 1.93 17.12 8.25
C LEU A 76 1.28 18.39 7.71
N HIS A 77 1.86 18.95 6.66
CA HIS A 77 1.28 20.14 6.06
C HIS A 77 -0.12 19.83 5.52
N GLU A 78 -0.30 18.68 4.89
CA GLU A 78 -1.62 18.23 4.43
C GLU A 78 -2.58 18.05 5.60
N LEU A 79 -2.10 17.44 6.68
CA LEU A 79 -2.96 17.12 7.82
C LEU A 79 -3.46 18.35 8.58
N LYS A 80 -2.65 19.42 8.59
CA LYS A 80 -2.92 20.66 9.34
C LYS A 80 -4.29 21.22 9.05
N ASN A 81 -4.71 21.05 7.80
CA ASN A 81 -5.94 21.64 7.28
C ASN A 81 -7.01 20.59 7.05
N LEU A 82 -6.86 19.43 7.70
CA LEU A 82 -7.84 18.35 7.63
C LEU A 82 -8.31 17.85 9.01
N THR A 83 -8.01 18.61 10.04
CA THR A 83 -8.30 18.17 11.40
C THR A 83 -9.79 18.15 11.75
N GLN A 84 -10.64 18.71 10.88
CA GLN A 84 -12.08 18.68 11.12
C GLN A 84 -12.73 17.36 10.70
N TYR A 85 -11.93 16.50 10.08
CA TYR A 85 -12.39 15.24 9.51
C TYR A 85 -11.76 14.05 10.23
N SER A 86 -12.44 12.91 10.14
CA SER A 86 -11.82 11.61 10.44
C SER A 86 -10.84 11.26 9.31
N TRP A 87 -9.77 10.53 9.66
CA TRP A 87 -8.72 10.20 8.68
C TRP A 87 -8.42 8.73 8.63
N LEU A 88 -8.12 8.28 7.42
CA LEU A 88 -7.41 7.01 7.22
C LEU A 88 -6.12 7.31 6.44
N LEU A 89 -5.00 7.32 7.17
CA LEU A 89 -3.68 7.51 6.55
C LEU A 89 -3.19 6.21 5.93
N ASP A 90 -2.74 6.29 4.69
CA ASP A 90 -2.42 5.11 3.92
C ASP A 90 -1.13 5.36 3.16
N GLY A 91 -0.05 4.71 3.60
CA GLY A 91 1.26 4.89 2.99
C GLY A 91 2.22 5.73 3.80
N PHE A 92 1.67 6.42 4.80
CA PHE A 92 2.43 7.20 5.76
C PHE A 92 1.85 6.85 7.13
N PRO A 93 2.71 6.50 8.09
CA PRO A 93 4.16 6.48 8.02
C PRO A 93 4.67 5.20 7.35
N ARG A 94 5.80 5.31 6.68
CA ARG A 94 6.43 4.18 5.99
C ARG A 94 7.64 3.68 6.74
N THR A 95 8.19 4.54 7.61
CA THR A 95 9.40 4.24 8.35
C THR A 95 9.26 4.65 9.80
N LEU A 96 10.15 4.14 10.66
CA LEU A 96 10.04 4.47 12.08
C LEU A 96 10.17 5.97 12.35
N PRO A 97 11.16 6.66 11.74
CA PRO A 97 11.21 8.13 11.98
C PRO A 97 9.92 8.87 11.58
N GLN A 98 9.25 8.39 10.54
CA GLN A 98 7.97 9.00 10.16
C GLN A 98 6.91 8.74 11.22
N ALA A 99 6.88 7.51 11.74
CA ALA A 99 5.90 7.16 12.77
C ALA A 99 6.11 7.96 14.07
N GLU A 100 7.37 8.10 14.45
CA GLU A 100 7.70 8.88 15.65
C GLU A 100 7.35 10.35 15.43
N ALA A 101 7.63 10.88 14.24
CA ALA A 101 7.27 12.28 13.97
C ALA A 101 5.76 12.49 14.00
N LEU A 102 5.02 11.53 13.43
CA LEU A 102 3.57 11.62 13.48
C LEU A 102 3.04 11.57 14.91
N ASP A 103 3.66 10.77 15.76
CA ASP A 103 3.26 10.63 17.17
C ASP A 103 3.45 11.95 17.94
N ARG A 104 4.40 12.76 17.48
CA ARG A 104 4.68 14.07 18.10
C ARG A 104 3.71 15.14 17.67
N ALA A 105 2.89 14.84 16.66
CA ALA A 105 1.96 15.79 16.04
C ALA A 105 0.49 15.48 16.32
N TYR A 106 0.10 14.21 16.19
CA TYR A 106 -1.28 13.80 16.42
C TYR A 106 -1.37 12.54 17.26
N GLN A 107 -2.46 12.43 18.00
CA GLN A 107 -2.79 11.22 18.73
C GLN A 107 -3.41 10.22 17.76
N ILE A 108 -2.66 9.16 17.47
CA ILE A 108 -3.12 8.10 16.55
C ILE A 108 -3.72 6.99 17.37
N ASP A 109 -5.00 6.71 17.13
CA ASP A 109 -5.77 5.79 17.98
C ASP A 109 -5.83 4.36 17.48
N THR A 110 -5.65 4.17 16.18
CA THR A 110 -5.92 2.89 15.57
C THR A 110 -4.95 2.70 14.41
N VAL A 111 -4.23 1.58 14.41
CA VAL A 111 -3.40 1.20 13.25
C VAL A 111 -3.82 -0.18 12.81
N ILE A 112 -4.29 -0.29 11.57
CA ILE A 112 -4.77 -1.56 10.99
C ILE A 112 -3.60 -2.13 10.17
N ASN A 113 -3.23 -3.38 10.41
CA ASN A 113 -2.24 -4.04 9.55
C ASN A 113 -2.85 -5.25 8.87
N LEU A 114 -2.65 -5.35 7.55
CA LEU A 114 -3.11 -6.51 6.78
C LEU A 114 -1.98 -7.53 6.69
N ASN A 115 -2.14 -8.64 7.40
CA ASN A 115 -1.12 -9.67 7.47
C ASN A 115 -1.43 -10.83 6.52
N VAL A 116 -0.84 -10.77 5.34
CA VAL A 116 -1.00 -11.77 4.30
C VAL A 116 0.35 -12.48 4.18
N PRO A 117 0.36 -13.82 4.09
CA PRO A 117 1.67 -14.48 4.09
C PRO A 117 2.54 -14.05 2.92
N PHE A 118 3.84 -13.94 3.20
CA PHE A 118 4.85 -13.63 2.19
C PHE A 118 4.67 -14.44 0.88
N GLU A 119 4.49 -15.74 1.00
CA GLU A 119 4.41 -16.60 -0.18
C GLU A 119 3.19 -16.27 -1.01
N VAL A 120 2.11 -15.88 -0.35
CA VAL A 120 0.88 -15.48 -1.06
C VAL A 120 1.06 -14.17 -1.81
N ILE A 121 1.61 -13.18 -1.15
CA ILE A 121 1.91 -11.89 -1.79
C ILE A 121 2.91 -12.06 -2.96
N LYS A 122 3.96 -12.85 -2.75
CA LYS A 122 4.93 -13.08 -3.82
C LYS A 122 4.27 -13.72 -5.03
N GLN A 123 3.43 -14.72 -4.78
CA GLN A 123 2.65 -15.38 -5.83
C GLN A 123 1.77 -14.37 -6.58
N ARG A 124 1.06 -13.51 -5.86
CA ARG A 124 0.19 -12.52 -6.50
C ARG A 124 0.99 -11.56 -7.37
N LEU A 125 2.14 -11.14 -6.83
CA LEU A 125 2.95 -10.12 -7.51
C LEU A 125 3.76 -10.64 -8.71
N THR A 126 3.90 -11.96 -8.83
CA THR A 126 4.68 -12.58 -9.92
C THR A 126 3.79 -13.36 -10.89
N ALA A 127 2.47 -13.15 -10.81
CA ALA A 127 1.52 -13.96 -11.56
C ALA A 127 1.38 -13.57 -13.03
N ARG A 128 1.78 -12.34 -13.38
CA ARG A 128 1.44 -11.77 -14.70
C ARG A 128 2.46 -12.12 -15.79
N TRP A 129 1.96 -12.65 -16.90
CA TRP A 129 2.77 -12.96 -18.09
C TRP A 129 2.12 -12.31 -19.28
N ILE A 130 2.93 -11.87 -20.24
CA ILE A 130 2.42 -11.10 -21.38
C ILE A 130 2.83 -11.77 -22.71
N HIS A 131 1.93 -11.74 -23.70
CA HIS A 131 2.33 -12.02 -25.07
C HIS A 131 2.70 -10.68 -25.73
N PRO A 132 4.01 -10.43 -25.93
CA PRO A 132 4.47 -9.09 -26.35
C PRO A 132 3.80 -8.50 -27.60
N ALA A 133 3.65 -9.29 -28.66
CA ALA A 133 3.14 -8.74 -29.93
C ALA A 133 1.71 -8.21 -29.83
N SER A 134 0.84 -8.96 -29.16
CA SER A 134 -0.59 -8.61 -29.07
C SER A 134 -0.90 -7.79 -27.82
N GLY A 135 -0.05 -7.93 -26.80
CA GLY A 135 -0.27 -7.35 -25.48
C GLY A 135 -1.22 -8.16 -24.61
N ARG A 136 -1.57 -9.37 -25.04
CA ARG A 136 -2.44 -10.22 -24.22
C ARG A 136 -1.81 -10.55 -22.87
N VAL A 137 -2.62 -10.42 -21.82
CA VAL A 137 -2.22 -10.69 -20.46
C VAL A 137 -2.74 -12.02 -19.97
N TYR A 138 -1.86 -12.78 -19.32
CA TYR A 138 -2.25 -14.00 -18.63
C TYR A 138 -1.85 -13.89 -17.18
N ASN A 139 -2.68 -14.39 -16.28
CA ASN A 139 -2.34 -14.40 -14.87
C ASN A 139 -2.44 -15.84 -14.45
N ILE A 140 -1.33 -16.42 -14.02
CA ILE A 140 -1.31 -17.87 -13.85
C ILE A 140 -2.25 -18.35 -12.72
N GLU A 141 -2.67 -17.42 -11.87
CA GLU A 141 -3.71 -17.69 -10.87
C GLU A 141 -5.14 -17.59 -11.42
N PHE A 142 -5.38 -16.66 -12.36
CA PHE A 142 -6.76 -16.30 -12.75
C PHE A 142 -7.17 -16.60 -14.19
N ASN A 143 -6.25 -16.41 -15.14
CA ASN A 143 -6.46 -16.84 -16.52
C ASN A 143 -5.14 -17.35 -17.08
N PRO A 144 -4.71 -18.53 -16.62
CA PRO A 144 -3.49 -19.05 -17.19
C PRO A 144 -3.66 -19.40 -18.67
N PRO A 145 -2.53 -19.50 -19.40
CA PRO A 145 -2.60 -19.92 -20.80
C PRO A 145 -3.02 -21.39 -20.87
N LYS A 146 -3.54 -21.80 -22.02
CA LYS A 146 -4.01 -23.18 -22.21
C LYS A 146 -2.82 -24.13 -22.17
N THR A 147 -1.68 -23.68 -22.70
CA THR A 147 -0.40 -24.37 -22.63
C THR A 147 0.59 -23.48 -21.87
N VAL A 148 1.29 -24.09 -20.91
CA VAL A 148 2.24 -23.36 -20.06
C VAL A 148 3.24 -22.55 -20.90
N GLY A 149 3.41 -21.26 -20.58
CA GLY A 149 4.46 -20.46 -21.16
C GLY A 149 4.26 -19.94 -22.57
N ILE A 150 3.11 -20.23 -23.18
CA ILE A 150 2.87 -19.81 -24.55
C ILE A 150 1.48 -19.20 -24.76
N ASP A 151 1.42 -18.34 -25.75
CA ASP A 151 0.19 -17.62 -26.09
C ASP A 151 -0.86 -18.52 -26.75
N ASP A 152 -2.13 -18.35 -26.33
CA ASP A 152 -3.24 -19.19 -26.81
C ASP A 152 -3.49 -19.08 -28.31
N LEU A 153 -3.23 -17.91 -28.89
CA LEU A 153 -3.60 -17.68 -30.29
C LEU A 153 -2.44 -17.94 -31.25
N THR A 154 -1.21 -17.73 -30.81
CA THR A 154 -0.06 -17.83 -31.70
C THR A 154 0.87 -19.00 -31.39
N GLY A 155 0.81 -19.51 -30.16
CA GLY A 155 1.79 -20.47 -29.67
C GLY A 155 3.15 -19.85 -29.41
N GLU A 156 3.25 -18.52 -29.46
CA GLU A 156 4.51 -17.80 -29.22
C GLU A 156 4.80 -17.68 -27.72
N PRO A 157 6.07 -17.53 -27.34
CA PRO A 157 6.39 -17.47 -25.91
C PRO A 157 5.81 -16.26 -25.18
N LEU A 158 5.46 -16.49 -23.90
CA LEU A 158 5.10 -15.41 -22.98
C LEU A 158 6.35 -14.92 -22.27
N ILE A 159 6.32 -13.65 -21.90
CA ILE A 159 7.40 -13.03 -21.15
C ILE A 159 6.84 -12.38 -19.90
N GLN A 160 7.71 -12.15 -18.93
CA GLN A 160 7.34 -11.42 -17.74
C GLN A 160 8.05 -10.08 -17.78
N ARG A 161 7.30 -9.01 -17.53
CA ARG A 161 7.89 -7.67 -17.39
C ARG A 161 8.78 -7.60 -16.15
N GLU A 162 9.79 -6.72 -16.15
CA GLU A 162 10.79 -6.71 -15.10
C GLU A 162 10.15 -6.56 -13.70
N ASP A 163 9.13 -5.72 -13.60
CA ASP A 163 8.49 -5.47 -12.30
C ASP A 163 7.72 -6.65 -11.72
N ASP A 164 7.53 -7.68 -12.54
CA ASP A 164 6.77 -8.86 -12.13
C ASP A 164 7.66 -10.07 -11.94
N LYS A 165 8.95 -9.92 -12.19
CA LYS A 165 9.86 -11.07 -12.04
C LYS A 165 10.13 -11.35 -10.56
N PRO A 166 10.31 -12.63 -10.20
CA PRO A 166 10.53 -13.00 -8.78
C PRO A 166 11.69 -12.25 -8.12
N GLU A 167 12.82 -12.07 -8.81
CA GLU A 167 13.96 -11.33 -8.24
C GLU A 167 13.58 -9.90 -7.83
N THR A 168 12.83 -9.25 -8.68
CA THR A 168 12.44 -7.86 -8.48
C THR A 168 11.44 -7.80 -7.32
N VAL A 169 10.49 -8.73 -7.32
CA VAL A 169 9.45 -8.79 -6.29
C VAL A 169 10.02 -9.09 -4.92
N ILE A 170 10.92 -10.06 -4.84
CA ILE A 170 11.55 -10.42 -3.58
C ILE A 170 12.31 -9.22 -2.97
N LYS A 171 13.03 -8.47 -3.80
CA LYS A 171 13.76 -7.29 -3.33
C LYS A 171 12.78 -6.22 -2.82
N ARG A 172 11.66 -6.09 -3.51
CA ARG A 172 10.66 -5.09 -3.14
C ARG A 172 10.05 -5.41 -1.78
N LEU A 173 9.68 -6.68 -1.61
CA LEU A 173 9.09 -7.15 -0.37
C LEU A 173 10.08 -7.11 0.78
N LYS A 174 11.35 -7.40 0.52
CA LYS A 174 12.35 -7.33 1.59
C LYS A 174 12.56 -5.90 2.05
N ALA A 175 12.60 -4.96 1.11
CA ALA A 175 12.72 -3.53 1.44
C ALA A 175 11.51 -3.12 2.29
N TYR A 176 10.32 -3.55 1.87
CA TYR A 176 9.12 -3.19 2.62
C TYR A 176 9.18 -3.73 4.04
N GLU A 177 9.60 -4.97 4.19
CA GLU A 177 9.68 -5.60 5.51
C GLU A 177 10.70 -4.87 6.39
N ASP A 178 11.84 -4.51 5.81
CA ASP A 178 12.89 -3.85 6.59
C ASP A 178 12.40 -2.50 7.10
N GLN A 179 11.65 -1.78 6.27
CA GLN A 179 11.15 -0.45 6.61
C GLN A 179 10.05 -0.52 7.67
N THR A 180 9.16 -1.48 7.56
CA THR A 180 7.94 -1.44 8.37
C THR A 180 7.95 -2.34 9.61
N LYS A 181 8.80 -3.36 9.65
CA LYS A 181 8.91 -4.17 10.87
C LYS A 181 9.05 -3.30 12.13
N PRO A 182 9.99 -2.34 12.11
CA PRO A 182 10.10 -1.43 13.28
C PRO A 182 8.85 -0.57 13.53
N VAL A 183 8.12 -0.26 12.48
CA VAL A 183 6.89 0.55 12.63
C VAL A 183 5.79 -0.27 13.32
N LEU A 184 5.64 -1.51 12.88
CA LEU A 184 4.67 -2.40 13.49
C LEU A 184 5.01 -2.65 14.98
N GLU A 185 6.30 -2.82 15.28
CA GLU A 185 6.72 -3.06 16.67
C GLU A 185 6.35 -1.85 17.51
N TYR A 186 6.57 -0.67 16.94
CA TYR A 186 6.29 0.60 17.63
C TYR A 186 4.82 0.73 17.99
N TYR A 187 3.94 0.43 17.03
CA TYR A 187 2.51 0.52 17.26
C TYR A 187 2.00 -0.61 18.15
N GLN A 188 2.59 -1.80 18.00
CA GLN A 188 2.18 -2.90 18.85
C GLN A 188 2.48 -2.61 20.32
N LYS A 189 3.67 -2.07 20.58
CA LYS A 189 4.06 -1.71 21.94
C LYS A 189 3.13 -0.63 22.51
N LYS A 190 2.68 0.28 21.65
CA LYS A 190 1.76 1.34 22.07
C LYS A 190 0.32 0.85 22.27
N GLY A 191 0.05 -0.38 21.86
CA GLY A 191 -1.26 -1.00 22.08
C GLY A 191 -2.36 -0.58 21.12
N VAL A 192 -1.99 0.00 19.97
CA VAL A 192 -2.99 0.50 19.01
C VAL A 192 -3.02 -0.31 17.72
N LEU A 193 -2.17 -1.33 17.64
CA LEU A 193 -2.10 -2.16 16.41
C LEU A 193 -3.18 -3.23 16.37
N GLU A 194 -4.03 -3.21 15.34
CA GLU A 194 -5.04 -4.25 15.11
C GLU A 194 -4.65 -4.99 13.85
N THR A 195 -4.43 -6.30 13.97
CA THR A 195 -3.93 -7.11 12.85
C THR A 195 -5.03 -7.99 12.29
N PHE A 196 -5.13 -8.04 10.96
CA PHE A 196 -6.10 -8.87 10.27
C PHE A 196 -5.34 -9.79 9.35
N SER A 197 -5.42 -11.09 9.66
CA SER A 197 -4.64 -12.08 8.91
C SER A 197 -5.53 -12.89 8.00
N GLY A 198 -5.04 -13.15 6.80
CA GLY A 198 -5.80 -13.94 5.83
C GLY A 198 -5.08 -14.04 4.52
N THR A 199 -5.61 -14.90 3.64
CA THR A 199 -4.96 -15.14 2.36
C THR A 199 -5.76 -14.60 1.17
N GLU A 200 -6.95 -14.05 1.43
CA GLU A 200 -7.77 -13.44 0.38
C GLU A 200 -8.37 -12.16 0.95
N THR A 201 -8.40 -11.13 0.12
CA THR A 201 -8.94 -9.83 0.53
C THR A 201 -10.39 -9.96 1.00
N ASN A 202 -11.18 -10.72 0.26
CA ASN A 202 -12.59 -10.86 0.63
C ASN A 202 -12.82 -11.69 1.91
N LYS A 203 -11.81 -12.43 2.36
CA LYS A 203 -11.87 -13.10 3.67
C LYS A 203 -11.52 -12.17 4.84
N ILE A 204 -10.67 -11.18 4.56
CA ILE A 204 -10.16 -10.22 5.55
C ILE A 204 -11.14 -9.07 5.74
N TRP A 205 -11.67 -8.58 4.62
CA TRP A 205 -12.51 -7.37 4.60
C TRP A 205 -13.65 -7.39 5.65
N PRO A 206 -14.43 -8.49 5.73
CA PRO A 206 -15.54 -8.43 6.72
C PRO A 206 -15.08 -8.07 8.13
N TYR A 207 -13.92 -8.58 8.53
CA TYR A 207 -13.44 -8.33 9.89
C TYR A 207 -12.99 -6.89 10.06
N VAL A 208 -12.38 -6.32 9.02
CA VAL A 208 -12.01 -4.89 9.06
C VAL A 208 -13.27 -4.04 9.16
N TYR A 209 -14.26 -4.37 8.35
CA TYR A 209 -15.54 -3.68 8.30
C TYR A 209 -16.23 -3.73 9.66
N ALA A 210 -16.27 -4.91 10.29
CA ALA A 210 -16.86 -5.04 11.63
C ALA A 210 -16.07 -4.25 12.68
N PHE A 211 -14.75 -4.34 12.63
CA PHE A 211 -13.88 -3.62 13.56
C PHE A 211 -14.17 -2.13 13.60
N LEU A 212 -14.37 -1.55 12.42
CA LEU A 212 -14.52 -0.10 12.34
C LEU A 212 -15.91 0.39 12.79
N GLN A 213 -16.86 -0.54 12.94
CA GLN A 213 -18.26 -0.16 13.30
C GLN A 213 -18.40 0.76 14.50
N THR A 214 -17.63 0.48 15.56
CA THR A 214 -17.72 1.27 16.78
C THR A 214 -16.80 2.50 16.75
N LYS A 215 -16.03 2.66 15.68
CA LYS A 215 -14.92 3.62 15.70
C LYS A 215 -15.14 4.91 14.90
N VAL A 216 -15.99 4.84 13.89
CA VAL A 216 -16.22 5.96 12.99
C VAL A 216 -17.61 5.81 12.39
N PRO A 217 -18.35 6.92 12.25
CA PRO A 217 -19.69 6.79 11.64
C PRO A 217 -19.72 6.23 10.22
N GLN A 218 -20.82 5.54 9.93
CA GLN A 218 -21.07 4.99 8.61
C GLN A 218 -21.28 6.09 7.56
#